data_5AAU
#
_entry.id   5AAU
#
_cell.length_a   106.407
_cell.length_b   51.396
_cell.length_c   85.181
_cell.angle_alpha   90.00
_cell.angle_beta   93.66
_cell.angle_gamma   90.00
#
_symmetry.space_group_name_H-M   'C 1 2 1'
#
loop_
_entity.id
_entity.type
_entity.pdbx_description
1 polymer 'ESTROGEN RECEPTOR'
2 non-polymer '3-(1-(4-Chlorophenyl)-3,4-dihydro-1H-pyrido(3,4-b)indol-2(9H)-yl)propanoic acid'
3 water water
#
_entity_poly.entity_id   1
_entity_poly.type   'polypeptide(L)'
_entity_poly.pdbx_seq_one_letter_code
;GSHMALSLTADQMVSALLDAEPPILYSEYDPTRPFSEASMMGLLTNLADRELVHMINWAKRVPGFVDLTLHDQVHLLESA
WLEILMIGLVWRSMEHPGKLLFAPNLLLDRNQGKSVEGMVEIFDMLLATSSRFRMMNLQGEEFVCLKSIILLNSGVYTFL
SSTLKSLEEKDHIHRVLDKITDTLIHLMAKAGLTLQQQHQRLAQLLLILSHIRHMSNKGMEHLYSMKCKNVVPSYDLLLE
MLDAHRLHAPTS
;
_entity_poly.pdbx_strand_id   A,B
#
loop_
_chem_comp.id
_chem_comp.type
_chem_comp.name
_chem_comp.formula
XBR non-polymer '3-(1-(4-Chlorophenyl)-3,4-dihydro-1H-pyrido(3,4-b)indol-2(9H)-yl)propanoic acid' 'C20 H19 Cl N2 O2'
#
# COMPACT_ATOMS: atom_id res chain seq x y z
N GLY A 1 20.06 23.76 18.47
CA GLY A 1 20.70 23.20 17.23
C GLY A 1 19.68 22.45 16.52
N SER A 2 20.04 21.90 15.37
CA SER A 2 19.10 21.09 14.62
C SER A 2 19.70 19.76 14.17
N HIS A 3 18.98 18.63 14.39
CA HIS A 3 19.47 17.29 13.92
C HIS A 3 19.06 17.07 12.50
N MET A 4 19.98 16.75 11.58
CA MET A 4 19.51 16.33 10.28
C MET A 4 18.91 14.88 10.43
N ALA A 5 17.88 14.61 9.66
CA ALA A 5 17.05 13.35 9.78
C ALA A 5 17.93 12.09 9.71
N LEU A 6 18.88 12.11 8.81
CA LEU A 6 19.75 10.93 8.58
C LEU A 6 20.78 10.71 9.63
N SER A 7 21.00 11.68 10.50
CA SER A 7 21.85 11.49 11.65
C SER A 7 21.26 10.93 12.89
N LEU A 8 19.92 10.79 12.90
CA LEU A 8 19.28 10.44 14.09
C LEU A 8 19.53 8.97 14.38
N THR A 9 19.74 8.67 15.65
CA THR A 9 19.75 7.30 16.12
C THR A 9 18.25 6.88 16.25
N ALA A 10 18.04 5.61 16.48
CA ALA A 10 16.71 5.05 16.58
C ALA A 10 15.98 5.68 17.78
N ASP A 11 16.71 5.86 18.88
CA ASP A 11 16.13 6.51 20.06
C ASP A 11 15.81 7.93 19.81
N GLN A 12 16.64 8.67 19.08
CA GLN A 12 16.28 10.06 18.77
C GLN A 12 15.07 10.12 17.79
N MET A 13 15.01 9.14 16.88
CA MET A 13 13.88 9.12 15.92
C MET A 13 12.57 8.88 16.66
N VAL A 14 12.53 7.86 17.49
CA VAL A 14 11.38 7.47 18.34
C VAL A 14 10.94 8.67 19.19
N SER A 15 11.92 9.44 19.75
CA SER A 15 11.62 10.52 20.63
C SER A 15 11.10 11.61 19.84
N ALA A 16 11.72 11.91 18.70
CA ALA A 16 11.19 12.93 17.85
C ALA A 16 9.69 12.62 17.48
N LEU A 17 9.39 11.34 17.15
CA LEU A 17 8.03 11.00 16.64
C LEU A 17 6.94 11.06 17.80
N LEU A 18 7.32 10.54 18.94
CA LEU A 18 6.48 10.64 20.13
C LEU A 18 6.24 12.08 20.48
N ASP A 19 7.24 12.96 20.41
CA ASP A 19 7.04 14.35 20.78
CA ASP A 19 7.03 14.36 20.77
C ASP A 19 6.23 15.12 19.76
N ALA A 20 6.24 14.71 18.52
CA ALA A 20 5.40 15.30 17.52
C ALA A 20 3.91 14.83 17.48
N GLU A 21 3.54 13.78 18.24
CA GLU A 21 2.17 13.19 18.28
C GLU A 21 1.05 14.22 18.53
N PRO A 22 0.01 14.20 17.70
CA PRO A 22 -1.01 15.16 17.94
C PRO A 22 -1.85 14.76 19.15
N PRO A 23 -2.67 15.70 19.64
CA PRO A 23 -3.59 15.38 20.72
C PRO A 23 -4.81 14.55 20.31
N ILE A 24 -5.36 13.79 21.26
CA ILE A 24 -6.68 13.16 21.05
C ILE A 24 -7.79 14.20 21.18
N LEU A 25 -8.50 14.45 20.11
CA LEU A 25 -9.55 15.44 20.09
C LEU A 25 -10.91 14.83 20.44
N TYR A 26 -11.84 15.69 20.85
CA TYR A 26 -13.24 15.29 21.09
C TYR A 26 -14.18 15.69 19.96
N SER A 27 -15.26 14.94 19.82
CA SER A 27 -16.27 15.29 18.87
C SER A 27 -17.03 16.48 19.43
N GLU A 28 -17.41 17.40 18.55
CA GLU A 28 -18.05 18.61 19.03
C GLU A 28 -19.55 18.38 18.83
N TYR A 29 -20.26 18.08 19.88
CA TYR A 29 -21.71 18.11 19.81
C TYR A 29 -22.23 18.21 21.24
N SER A 39 -26.14 14.56 12.65
CA SER A 39 -25.87 13.68 11.53
C SER A 39 -24.41 13.16 11.67
N MET A 40 -24.26 11.91 11.33
CA MET A 40 -23.02 11.23 11.51
C MET A 40 -21.94 11.78 10.59
N MET A 41 -22.27 11.98 9.32
CA MET A 41 -21.30 12.52 8.41
C MET A 41 -20.77 13.87 8.86
N GLY A 42 -21.63 14.69 9.47
CA GLY A 42 -21.18 15.99 9.91
C GLY A 42 -20.18 15.94 11.01
N LEU A 43 -20.45 15.05 11.96
CA LEU A 43 -19.53 14.84 13.06
C LEU A 43 -18.17 14.36 12.56
N LEU A 44 -18.20 13.45 11.59
CA LEU A 44 -16.96 12.79 11.09
C LEU A 44 -16.12 13.77 10.27
N THR A 45 -16.80 14.61 9.52
CA THR A 45 -16.23 15.70 8.75
C THR A 45 -15.65 16.78 9.69
N ASN A 46 -16.43 17.17 10.69
CA ASN A 46 -15.92 18.21 11.64
C ASN A 46 -14.61 17.74 12.30
N LEU A 47 -14.67 16.50 12.81
CA LEU A 47 -13.52 15.89 13.44
C LEU A 47 -12.32 15.81 12.51
N ALA A 48 -12.54 15.34 11.30
CA ALA A 48 -11.45 15.26 10.32
C ALA A 48 -10.85 16.66 10.07
N ASP A 49 -11.71 17.69 9.91
CA ASP A 49 -11.21 19.04 9.71
C ASP A 49 -10.34 19.52 10.87
N ARG A 50 -10.72 19.26 12.08
CA ARG A 50 -9.89 19.66 13.19
C ARG A 50 -8.64 18.86 13.29
N GLU A 51 -8.74 17.53 13.07
CA GLU A 51 -7.53 16.70 13.03
C GLU A 51 -6.48 17.20 12.00
N LEU A 52 -6.97 17.73 10.88
CA LEU A 52 -6.07 18.10 9.77
C LEU A 52 -5.14 19.26 10.16
N VAL A 53 -5.68 20.21 10.93
CA VAL A 53 -4.82 21.28 11.46
C VAL A 53 -3.66 20.75 12.23
N HIS A 54 -3.94 19.83 13.11
CA HIS A 54 -2.89 19.21 13.93
C HIS A 54 -1.99 18.30 13.11
N MET A 55 -2.55 17.79 12.00
CA MET A 55 -1.76 16.93 11.19
C MET A 55 -0.64 17.70 10.48
N ILE A 56 -0.95 18.95 10.11
CA ILE A 56 0.04 19.81 9.45
CA ILE A 56 0.03 19.81 9.44
C ILE A 56 1.19 20.02 10.38
N ASN A 57 0.88 20.36 11.64
N ASN A 57 0.88 20.34 11.63
CA ASN A 57 1.89 20.59 12.70
CA ASN A 57 1.91 20.59 12.67
C ASN A 57 2.76 19.34 12.91
C ASN A 57 2.75 19.33 12.93
N TRP A 58 2.07 18.21 12.96
CA TRP A 58 2.74 16.90 13.08
C TRP A 58 3.65 16.62 11.87
N ALA A 59 3.18 16.78 10.68
CA ALA A 59 4.00 16.47 9.44
C ALA A 59 5.33 17.26 9.44
N LYS A 60 5.22 18.54 9.86
CA LYS A 60 6.32 19.49 9.86
C LYS A 60 7.38 19.02 10.83
N ARG A 61 6.97 18.22 11.77
CA ARG A 61 7.88 17.65 12.71
C ARG A 61 8.40 16.21 12.44
N VAL A 62 7.95 15.58 11.41
CA VAL A 62 8.46 14.23 10.97
C VAL A 62 9.85 14.44 10.33
N PRO A 63 10.88 13.90 10.87
CA PRO A 63 12.25 14.09 10.33
C PRO A 63 12.32 13.93 8.83
N GLY A 64 12.91 14.95 8.16
CA GLY A 64 12.94 14.99 6.70
C GLY A 64 11.92 15.74 5.94
N PHE A 65 10.73 15.82 6.53
CA PHE A 65 9.65 16.39 5.81
C PHE A 65 10.05 17.81 5.46
N VAL A 66 10.51 18.63 6.40
CA VAL A 66 10.81 20.05 5.98
C VAL A 66 12.07 20.20 5.16
N ASP A 67 12.76 19.09 4.84
CA ASP A 67 13.79 19.11 3.77
C ASP A 67 13.20 19.24 2.40
N LEU A 68 11.91 19.01 2.19
CA LEU A 68 11.35 19.02 0.89
C LEU A 68 10.86 20.41 0.59
N THR A 69 10.71 20.71 -0.68
CA THR A 69 10.01 21.94 -1.07
C THR A 69 8.58 21.88 -0.62
N LEU A 70 8.00 23.05 -0.55
CA LEU A 70 6.63 23.18 -0.10
C LEU A 70 5.73 22.44 -1.07
N HIS A 71 5.98 22.52 -2.36
CA HIS A 71 5.11 21.82 -3.29
CA HIS A 71 5.24 21.79 -3.42
C HIS A 71 5.25 20.28 -3.14
N ASP A 72 6.45 19.78 -2.80
CA ASP A 72 6.57 18.33 -2.46
C ASP A 72 5.94 17.92 -1.13
N GLN A 73 6.01 18.82 -0.12
CA GLN A 73 5.27 18.61 1.11
C GLN A 73 3.81 18.42 0.86
N VAL A 74 3.20 19.29 0.05
CA VAL A 74 1.80 19.25 -0.20
C VAL A 74 1.40 17.99 -1.03
N HIS A 75 2.30 17.55 -1.93
N HIS A 75 2.28 17.56 -1.93
CA HIS A 75 2.13 16.29 -2.69
CA HIS A 75 1.99 16.35 -2.67
C HIS A 75 1.96 15.13 -1.74
C HIS A 75 1.95 15.13 -1.76
N LEU A 76 2.88 15.02 -0.80
CA LEU A 76 2.88 13.92 0.12
C LEU A 76 1.67 13.97 1.02
N LEU A 77 1.35 15.16 1.54
CA LEU A 77 0.20 15.24 2.44
C LEU A 77 -1.15 15.01 1.70
N GLU A 78 -1.34 15.56 0.48
CA GLU A 78 -2.52 15.32 -0.30
C GLU A 78 -2.71 13.85 -0.56
N SER A 79 -1.62 13.11 -0.80
N SER A 79 -1.63 13.13 -0.82
CA SER A 79 -1.75 11.64 -1.01
CA SER A 79 -1.76 11.66 -1.06
C SER A 79 -2.10 10.89 0.25
C SER A 79 -2.03 10.86 0.23
N ALA A 80 -1.55 11.33 1.39
CA ALA A 80 -1.58 10.55 2.60
C ALA A 80 -2.63 10.91 3.66
N TRP A 81 -3.25 12.06 3.53
CA TRP A 81 -3.98 12.60 4.76
C TRP A 81 -5.08 11.62 5.26
N LEU A 82 -5.80 10.98 4.34
CA LEU A 82 -6.86 10.06 4.80
C LEU A 82 -6.31 8.76 5.38
N GLU A 83 -5.25 8.24 4.80
CA GLU A 83 -4.54 7.10 5.44
C GLU A 83 -4.06 7.45 6.87
N ILE A 84 -3.56 8.66 7.03
CA ILE A 84 -3.08 9.16 8.33
C ILE A 84 -4.22 9.25 9.31
N LEU A 85 -5.31 9.84 8.90
CA LEU A 85 -6.51 9.83 9.73
C LEU A 85 -6.90 8.43 10.16
N MET A 86 -7.02 7.55 9.15
CA MET A 86 -7.38 6.14 9.38
C MET A 86 -6.48 5.41 10.25
N ILE A 87 -5.12 5.52 10.12
CA ILE A 87 -4.22 4.72 10.99
C ILE A 87 -4.37 5.20 12.48
N GLY A 88 -4.58 6.51 12.67
CA GLY A 88 -4.67 7.00 14.04
C GLY A 88 -6.00 6.48 14.62
N LEU A 89 -7.04 6.42 13.79
CA LEU A 89 -8.32 5.89 14.20
C LEU A 89 -8.19 4.43 14.65
N VAL A 90 -7.65 3.59 13.76
CA VAL A 90 -7.54 2.20 14.03
C VAL A 90 -6.66 1.95 15.25
N TRP A 91 -5.60 2.75 15.41
CA TRP A 91 -4.77 2.68 16.61
C TRP A 91 -5.59 2.86 17.88
N ARG A 92 -6.32 3.96 17.96
CA ARG A 92 -7.08 4.33 19.15
C ARG A 92 -8.16 3.26 19.39
N SER A 93 -8.65 2.65 18.34
CA SER A 93 -9.78 1.70 18.44
C SER A 93 -9.43 0.25 18.88
N MET A 94 -8.14 -0.05 18.90
CA MET A 94 -7.64 -1.41 19.08
C MET A 94 -8.18 -2.09 20.34
N GLU A 95 -8.27 -1.34 21.46
CA GLU A 95 -8.85 -1.86 22.71
C GLU A 95 -10.38 -1.81 22.82
N HIS A 96 -11.11 -1.49 21.73
CA HIS A 96 -12.59 -1.60 21.64
C HIS A 96 -13.06 -2.51 20.53
N PRO A 97 -12.93 -3.83 20.72
CA PRO A 97 -13.30 -4.74 19.62
C PRO A 97 -14.70 -4.45 19.06
N GLY A 98 -14.86 -4.45 17.76
CA GLY A 98 -16.10 -4.10 17.09
C GLY A 98 -16.56 -2.65 17.04
N LYS A 99 -15.76 -1.72 17.54
CA LYS A 99 -16.11 -0.31 17.61
C LYS A 99 -14.96 0.52 17.11
N LEU A 100 -15.26 1.70 16.63
CA LEU A 100 -14.28 2.68 16.09
C LEU A 100 -14.35 3.93 16.99
N LEU A 101 -13.21 4.17 17.65
CA LEU A 101 -13.12 5.26 18.62
CA LEU A 101 -13.11 5.28 18.64
C LEU A 101 -12.74 6.53 17.85
N PHE A 102 -13.70 7.11 17.19
CA PHE A 102 -13.40 8.31 16.47
C PHE A 102 -12.98 9.42 17.48
N ALA A 103 -13.65 9.46 18.59
CA ALA A 103 -13.30 10.30 19.72
C ALA A 103 -13.77 9.61 21.02
N PRO A 104 -13.24 10.00 22.20
CA PRO A 104 -13.72 9.42 23.47
C PRO A 104 -15.23 9.53 23.65
N ASN A 105 -15.88 10.50 23.03
CA ASN A 105 -17.29 10.70 23.04
C ASN A 105 -17.92 10.40 21.71
N LEU A 106 -17.23 9.57 20.90
CA LEU A 106 -17.77 9.20 19.66
C LEU A 106 -17.19 7.84 19.31
N LEU A 107 -17.73 6.82 19.97
CA LEU A 107 -17.33 5.39 19.82
C LEU A 107 -18.46 4.69 19.08
N LEU A 108 -18.26 4.37 17.80
CA LEU A 108 -19.31 3.93 16.94
C LEU A 108 -19.20 2.49 16.58
N ASP A 109 -20.35 1.82 16.52
CA ASP A 109 -20.35 0.43 16.06
C ASP A 109 -20.77 0.28 14.66
N ARG A 110 -20.62 -0.98 14.24
CA ARG A 110 -20.95 -1.34 12.90
C ARG A 110 -22.37 -0.86 12.49
N ASN A 111 -23.33 -1.00 13.41
CA ASN A 111 -24.74 -0.74 13.09
C ASN A 111 -25.04 0.71 12.84
N GLN A 112 -24.42 1.57 13.64
CA GLN A 112 -24.36 3.03 13.42
C GLN A 112 -23.76 3.41 12.06
N GLY A 113 -22.72 2.70 11.61
CA GLY A 113 -22.19 2.94 10.27
C GLY A 113 -23.22 2.72 9.16
N LYS A 114 -24.20 1.85 9.45
CA LYS A 114 -25.30 1.57 8.53
C LYS A 114 -26.16 2.81 8.25
N SER A 115 -26.15 3.79 9.15
CA SER A 115 -26.90 5.04 8.95
C SER A 115 -26.43 5.88 7.73
N VAL A 116 -25.19 5.73 7.23
CA VAL A 116 -24.78 6.41 5.98
C VAL A 116 -24.56 5.38 4.89
N GLU A 117 -25.29 5.53 3.78
CA GLU A 117 -25.19 4.59 2.60
C GLU A 117 -23.76 4.46 2.08
N GLY A 118 -23.23 3.25 2.00
CA GLY A 118 -21.85 3.06 1.56
C GLY A 118 -20.81 3.01 2.70
N MET A 119 -21.20 3.40 3.88
CA MET A 119 -20.24 3.52 4.99
C MET A 119 -19.85 2.20 5.69
N VAL A 120 -20.77 1.27 5.78
CA VAL A 120 -20.45 0.01 6.48
C VAL A 120 -19.30 -0.72 5.92
N GLU A 121 -19.13 -0.73 4.60
CA GLU A 121 -18.00 -1.45 3.98
C GLU A 121 -16.63 -0.80 4.48
N ILE A 122 -16.60 0.51 4.57
CA ILE A 122 -15.39 1.20 5.04
C ILE A 122 -15.21 0.91 6.56
N PHE A 123 -16.28 1.01 7.37
CA PHE A 123 -16.26 0.64 8.82
C PHE A 123 -15.76 -0.79 9.04
N ASP A 124 -16.21 -1.71 8.17
CA ASP A 124 -15.74 -3.05 8.31
C ASP A 124 -14.28 -3.17 8.04
N MET A 125 -13.75 -2.46 7.03
CA MET A 125 -12.36 -2.57 6.78
C MET A 125 -11.51 -2.00 7.93
N LEU A 126 -11.92 -0.84 8.39
CA LEU A 126 -11.24 -0.21 9.54
C LEU A 126 -11.22 -1.12 10.70
N LEU A 127 -12.39 -1.69 11.04
CA LEU A 127 -12.44 -2.67 12.12
C LEU A 127 -11.50 -3.84 11.96
N ALA A 128 -11.42 -4.40 10.75
CA ALA A 128 -10.49 -5.55 10.51
C ALA A 128 -9.04 -5.13 10.76
N THR A 129 -8.74 -3.87 10.37
CA THR A 129 -7.43 -3.41 10.63
C THR A 129 -7.14 -3.25 12.11
N SER A 130 -8.05 -2.61 12.82
CA SER A 130 -7.85 -2.43 14.28
C SER A 130 -7.65 -3.77 14.98
N SER A 131 -8.44 -4.75 14.57
CA SER A 131 -8.35 -6.08 15.19
C SER A 131 -7.02 -6.74 14.85
N ARG A 132 -6.58 -6.54 13.62
CA ARG A 132 -5.23 -7.04 13.24
C ARG A 132 -4.11 -6.41 14.08
N PHE A 133 -4.10 -5.08 14.22
CA PHE A 133 -3.15 -4.44 15.18
C PHE A 133 -3.22 -4.92 16.65
N ARG A 134 -4.43 -5.19 17.12
CA ARG A 134 -4.64 -5.74 18.45
C ARG A 134 -3.97 -7.11 18.60
N MET A 135 -4.24 -7.96 17.63
CA MET A 135 -3.71 -9.32 17.63
C MET A 135 -2.19 -9.32 17.44
N MET A 136 -1.63 -8.34 16.72
CA MET A 136 -0.17 -8.22 16.69
C MET A 136 0.41 -7.49 17.89
N ASN A 137 -0.42 -7.00 18.77
CA ASN A 137 0.02 -6.14 19.87
C ASN A 137 0.88 -4.95 19.41
N LEU A 138 0.37 -4.23 18.41
CA LEU A 138 1.10 -3.06 17.93
C LEU A 138 1.46 -2.16 19.10
N GLN A 139 2.69 -1.68 19.19
CA GLN A 139 3.12 -0.79 20.24
C GLN A 139 3.05 0.67 19.74
N GLY A 140 2.86 1.62 20.68
CA GLY A 140 2.86 3.01 20.39
C GLY A 140 4.04 3.53 19.54
N GLU A 141 5.21 3.00 19.80
CA GLU A 141 6.47 3.49 19.20
C GLU A 141 6.54 2.89 17.78
N GLU A 142 5.94 1.72 17.62
CA GLU A 142 5.79 1.12 16.23
C GLU A 142 4.75 1.95 15.44
N PHE A 143 3.63 2.26 16.07
CA PHE A 143 2.57 3.01 15.44
C PHE A 143 3.15 4.28 14.86
N VAL A 144 3.92 4.98 15.69
CA VAL A 144 4.36 6.32 15.22
C VAL A 144 5.30 6.17 14.03
N CYS A 145 6.12 5.13 14.01
CA CYS A 145 6.98 4.87 12.84
C CYS A 145 6.15 4.57 11.59
N LEU A 146 5.08 3.79 11.75
CA LEU A 146 4.22 3.44 10.55
C LEU A 146 3.51 4.64 9.99
N LYS A 147 3.03 5.48 10.88
CA LYS A 147 2.38 6.69 10.48
C LYS A 147 3.30 7.60 9.71
N SER A 148 4.51 7.77 10.15
CA SER A 148 5.51 8.61 9.43
C SER A 148 5.92 7.97 8.08
N ILE A 149 6.03 6.64 8.06
CA ILE A 149 6.14 5.88 6.76
C ILE A 149 5.11 6.22 5.77
N ILE A 150 3.84 6.22 6.16
CA ILE A 150 2.74 6.57 5.30
C ILE A 150 2.92 7.92 4.65
N LEU A 151 3.22 8.90 5.49
CA LEU A 151 3.41 10.23 5.01
C LEU A 151 4.50 10.38 3.97
N LEU A 152 5.63 9.72 4.12
CA LEU A 152 6.76 9.86 3.22
C LEU A 152 6.64 8.92 2.02
N ASN A 153 5.88 7.86 2.20
CA ASN A 153 5.77 6.83 1.10
C ASN A 153 4.57 7.04 0.18
N SER A 154 3.39 7.46 0.69
CA SER A 154 2.14 7.27 -0.07
CA SER A 154 2.17 7.21 -0.08
C SER A 154 2.19 8.02 -1.41
N GLY A 155 2.79 9.18 -1.41
CA GLY A 155 2.98 9.99 -2.62
C GLY A 155 4.35 9.94 -3.27
N VAL A 156 5.24 9.04 -2.80
CA VAL A 156 6.65 9.04 -3.27
C VAL A 156 6.76 8.68 -4.76
N TYR A 157 5.81 7.85 -5.26
CA TYR A 157 5.83 7.34 -6.69
C TYR A 157 4.79 7.96 -7.64
N THR A 158 4.17 9.06 -7.22
CA THR A 158 3.30 9.85 -8.10
C THR A 158 3.89 11.25 -8.30
N PHE A 159 5.20 11.40 -8.05
CA PHE A 159 5.90 12.64 -8.32
C PHE A 159 6.06 12.80 -9.84
N GLU A 168 17.72 11.91 -6.49
CA GLU A 168 18.42 12.90 -5.66
C GLU A 168 17.58 13.48 -4.48
N GLU A 169 16.46 14.11 -4.80
CA GLU A 169 15.54 14.51 -3.70
C GLU A 169 14.70 13.28 -3.28
N LYS A 170 14.29 12.46 -4.28
CA LYS A 170 13.58 11.17 -4.07
C LYS A 170 14.46 10.23 -3.33
N ASP A 171 15.77 10.31 -3.56
CA ASP A 171 16.71 9.52 -2.78
C ASP A 171 16.62 9.85 -1.30
N HIS A 172 16.40 11.11 -0.99
CA HIS A 172 16.48 11.57 0.36
C HIS A 172 15.32 10.98 1.15
N ILE A 173 14.15 10.99 0.54
CA ILE A 173 12.98 10.43 1.15
C ILE A 173 13.19 8.92 1.37
N HIS A 174 13.73 8.25 0.37
CA HIS A 174 14.05 6.81 0.56
CA HIS A 174 14.22 6.80 0.46
C HIS A 174 15.09 6.56 1.67
N ARG A 175 16.05 7.44 1.84
CA ARG A 175 17.01 7.29 2.93
C ARG A 175 16.34 7.54 4.26
N VAL A 176 15.47 8.53 4.30
CA VAL A 176 14.65 8.76 5.55
C VAL A 176 13.78 7.56 5.90
N LEU A 177 13.12 6.98 4.88
CA LEU A 177 12.39 5.80 5.04
C LEU A 177 13.22 4.65 5.57
N ASP A 178 14.47 4.49 5.11
CA ASP A 178 15.37 3.47 5.55
C ASP A 178 15.68 3.69 7.06
N LYS A 179 15.85 4.95 7.46
CA LYS A 179 16.12 5.29 8.90
C LYS A 179 14.95 4.86 9.80
N ILE A 180 13.74 5.10 9.33
CA ILE A 180 12.53 4.67 10.08
C ILE A 180 12.48 3.14 10.15
N THR A 181 12.83 2.45 9.05
CA THR A 181 12.82 0.98 9.10
C THR A 181 13.85 0.51 10.14
N ASP A 182 15.02 1.12 10.14
CA ASP A 182 16.09 0.80 11.14
C ASP A 182 15.53 1.01 12.50
N THR A 183 14.71 2.04 12.64
CA THR A 183 14.16 2.36 13.94
C THR A 183 13.14 1.31 14.42
N LEU A 184 12.34 0.80 13.52
CA LEU A 184 11.35 -0.22 13.81
C LEU A 184 12.06 -1.55 14.16
N ILE A 185 13.13 -1.81 13.44
CA ILE A 185 13.93 -3.02 13.69
C ILE A 185 14.60 -2.95 15.08
N HIS A 186 15.16 -1.80 15.42
CA HIS A 186 15.69 -1.55 16.73
C HIS A 186 14.63 -1.86 17.85
N LEU A 187 13.46 -1.25 17.72
CA LEU A 187 12.38 -1.47 18.67
C LEU A 187 12.12 -2.96 18.80
N MET A 188 12.11 -3.64 17.69
CA MET A 188 11.73 -5.03 17.69
C MET A 188 12.86 -5.89 18.30
N ALA A 189 14.09 -5.51 18.04
CA ALA A 189 15.23 -6.22 18.58
C ALA A 189 15.21 -5.93 20.10
N LYS A 190 14.99 -4.68 20.54
CA LYS A 190 15.04 -4.42 22.01
C LYS A 190 13.86 -5.14 22.75
N ALA A 191 12.75 -5.40 22.04
CA ALA A 191 11.62 -6.20 22.56
C ALA A 191 11.85 -7.66 22.54
N GLY A 192 13.00 -8.11 22.04
CA GLY A 192 13.40 -9.48 22.26
C GLY A 192 13.03 -10.39 21.15
N LEU A 193 12.69 -9.83 19.98
CA LEU A 193 12.46 -10.68 18.80
C LEU A 193 13.78 -11.10 18.14
N THR A 194 13.77 -12.33 17.59
CA THR A 194 14.91 -12.79 16.83
C THR A 194 14.97 -12.00 15.53
N LEU A 195 16.17 -11.99 14.94
CA LEU A 195 16.37 -11.43 13.61
C LEU A 195 15.22 -11.87 12.61
N GLN A 196 14.97 -13.16 12.50
CA GLN A 196 13.89 -13.66 11.68
C GLN A 196 12.45 -13.16 12.04
N GLN A 197 12.16 -13.11 13.34
CA GLN A 197 10.91 -12.54 13.83
C GLN A 197 10.84 -11.02 13.59
N GLN A 198 11.98 -10.33 13.65
CA GLN A 198 11.99 -8.91 13.32
C GLN A 198 11.52 -8.73 11.85
N HIS A 199 12.14 -9.49 10.96
CA HIS A 199 11.78 -9.42 9.53
C HIS A 199 10.32 -9.81 9.29
N GLN A 200 9.84 -10.86 9.94
CA GLN A 200 8.43 -11.21 9.71
C GLN A 200 7.45 -10.12 10.17
N ARG A 201 7.75 -9.53 11.32
CA ARG A 201 6.86 -8.57 11.96
C ARG A 201 6.90 -7.29 11.17
N LEU A 202 8.12 -6.89 10.70
CA LEU A 202 8.24 -5.81 9.77
C LEU A 202 7.37 -5.97 8.55
N ALA A 203 7.48 -7.17 7.91
CA ALA A 203 6.73 -7.42 6.70
C ALA A 203 5.19 -7.33 7.00
N GLN A 204 4.74 -7.86 8.14
CA GLN A 204 3.33 -7.98 8.46
C GLN A 204 2.80 -6.56 8.58
N LEU A 205 3.53 -5.73 9.32
CA LEU A 205 3.12 -4.31 9.46
C LEU A 205 3.12 -3.58 8.15
N LEU A 206 4.10 -3.77 7.30
CA LEU A 206 4.17 -3.05 6.06
C LEU A 206 3.04 -3.54 5.11
N LEU A 207 2.66 -4.80 5.17
CA LEU A 207 1.56 -5.29 4.27
C LEU A 207 0.24 -4.72 4.75
N ILE A 208 0.11 -4.46 6.03
CA ILE A 208 -1.10 -3.72 6.50
C ILE A 208 -1.20 -2.34 5.96
N LEU A 209 -0.08 -1.68 5.73
CA LEU A 209 -0.09 -0.42 5.05
C LEU A 209 -0.68 -0.46 3.69
N SER A 210 -0.55 -1.58 2.96
CA SER A 210 -1.22 -1.69 1.66
CA SER A 210 -1.25 -1.70 1.67
C SER A 210 -2.76 -1.70 1.88
N HIS A 211 -3.21 -2.38 2.94
CA HIS A 211 -4.61 -2.38 3.23
C HIS A 211 -5.11 -0.93 3.62
N ILE A 212 -4.27 -0.16 4.32
CA ILE A 212 -4.65 1.22 4.68
C ILE A 212 -4.81 2.03 3.40
N ARG A 213 -3.87 1.85 2.43
CA ARG A 213 -3.96 2.58 1.17
C ARG A 213 -5.33 2.26 0.52
N HIS A 214 -5.63 0.97 0.49
CA HIS A 214 -6.88 0.46 -0.11
C HIS A 214 -8.08 1.17 0.58
N MET A 215 -8.10 1.15 1.92
CA MET A 215 -9.21 1.80 2.66
C MET A 215 -9.32 3.29 2.25
N SER A 216 -8.17 3.98 2.17
CA SER A 216 -8.16 5.41 1.79
C SER A 216 -8.71 5.60 0.38
N ASN A 217 -8.32 4.72 -0.54
CA ASN A 217 -8.88 4.84 -1.91
C ASN A 217 -10.39 4.68 -1.92
N LYS A 218 -10.87 3.65 -1.25
CA LYS A 218 -12.32 3.41 -1.23
C LYS A 218 -13.02 4.54 -0.43
N GLY A 219 -12.43 4.99 0.69
CA GLY A 219 -12.96 6.17 1.41
C GLY A 219 -13.12 7.42 0.55
N MET A 220 -12.09 7.74 -0.25
CA MET A 220 -12.08 8.90 -1.13
C MET A 220 -13.20 8.74 -2.14
N GLU A 221 -13.37 7.52 -2.66
CA GLU A 221 -14.41 7.33 -3.61
C GLU A 221 -15.77 7.57 -2.97
N HIS A 222 -15.94 7.07 -1.77
CA HIS A 222 -17.17 7.27 -1.06
C HIS A 222 -17.42 8.78 -0.76
N LEU A 223 -16.45 9.45 -0.20
CA LEU A 223 -16.56 10.92 0.02
C LEU A 223 -16.95 11.62 -1.27
N TYR A 224 -16.25 11.31 -2.36
CA TYR A 224 -16.59 11.96 -3.60
C TYR A 224 -17.97 11.53 -4.15
N SER A 225 -18.49 10.38 -3.76
CA SER A 225 -19.80 10.00 -4.21
C SER A 225 -20.99 10.75 -3.55
N MET A 226 -20.78 11.49 -2.47
CA MET A 226 -21.91 12.04 -1.70
C MET A 226 -22.05 13.55 -1.74
N VAL A 231 -16.83 18.26 2.23
CA VAL A 231 -16.00 18.39 1.06
C VAL A 231 -14.64 17.91 1.52
N VAL A 232 -13.93 17.26 0.61
CA VAL A 232 -12.66 16.76 0.93
C VAL A 232 -11.65 17.86 0.77
N PRO A 233 -10.66 17.80 1.61
CA PRO A 233 -9.41 18.50 1.52
C PRO A 233 -8.89 18.45 0.10
N SER A 234 -8.68 19.59 -0.54
CA SER A 234 -8.07 19.65 -1.85
C SER A 234 -6.56 19.90 -1.73
N TYR A 235 -5.82 19.70 -2.83
CA TYR A 235 -4.47 20.20 -3.02
C TYR A 235 -4.30 21.70 -2.53
N ASP A 236 -5.23 22.53 -2.91
CA ASP A 236 -5.11 24.00 -2.70
C ASP A 236 -5.27 24.33 -1.22
N LEU A 237 -6.15 23.59 -0.57
CA LEU A 237 -6.37 23.75 0.83
C LEU A 237 -5.16 23.33 1.62
N LEU A 238 -4.61 22.19 1.28
CA LEU A 238 -3.49 21.70 1.98
C LEU A 238 -2.26 22.58 1.82
N LEU A 239 -2.15 23.12 0.62
CA LEU A 239 -1.06 24.01 0.31
C LEU A 239 -1.12 25.25 1.24
N GLU A 240 -2.31 25.83 1.29
CA GLU A 240 -2.50 26.99 2.06
C GLU A 240 -2.25 26.67 3.56
N MET A 241 -2.75 25.54 3.99
CA MET A 241 -2.55 25.17 5.40
C MET A 241 -1.10 24.99 5.74
N LEU A 242 -0.41 24.26 4.88
CA LEU A 242 0.99 24.06 5.08
C LEU A 242 1.71 25.43 5.13
N ASP A 243 1.38 26.34 4.22
CA ASP A 243 2.03 27.60 4.18
C ASP A 243 1.74 28.44 5.43
N ALA A 244 0.45 28.47 5.80
CA ALA A 244 0.00 29.22 6.96
C ALA A 244 0.69 28.83 8.26
N HIS A 245 1.09 27.54 8.38
CA HIS A 245 1.86 27.07 9.51
C HIS A 245 3.05 28.00 9.88
N ARG A 246 3.68 28.61 8.88
CA ARG A 246 4.78 29.48 9.09
C ARG A 246 4.38 30.64 9.96
N LEU A 247 3.12 31.02 9.95
CA LEU A 247 2.64 32.17 10.73
C LEU A 247 2.20 31.84 12.17
N HIS A 248 2.09 30.57 12.52
CA HIS A 248 1.68 30.21 13.90
C HIS A 248 2.73 30.56 14.92
N ALA A 249 2.23 31.00 16.08
CA ALA A 249 3.10 31.35 17.20
C ALA A 249 3.79 30.12 17.68
N PRO A 250 5.11 30.20 17.92
CA PRO A 250 5.82 29.03 18.49
C PRO A 250 5.24 28.65 19.86
N LEU B 8 8.83 -26.94 3.20
CA LEU B 8 9.81 -26.36 2.21
C LEU B 8 10.85 -25.39 2.71
N THR B 9 12.06 -25.55 2.17
CA THR B 9 13.13 -24.63 2.51
C THR B 9 13.00 -23.36 1.63
N ALA B 10 13.74 -22.34 2.03
CA ALA B 10 13.69 -21.07 1.32
C ALA B 10 14.01 -21.35 -0.13
N ASP B 11 14.97 -22.24 -0.40
CA ASP B 11 15.33 -22.58 -1.79
C ASP B 11 14.30 -23.32 -2.56
N GLN B 12 13.66 -24.29 -1.92
CA GLN B 12 12.52 -24.94 -2.58
C GLN B 12 11.38 -24.01 -2.80
N MET B 13 11.19 -23.01 -1.92
CA MET B 13 10.07 -22.05 -2.19
C MET B 13 10.32 -21.30 -3.48
N VAL B 14 11.53 -20.81 -3.63
CA VAL B 14 11.92 -20.02 -4.82
C VAL B 14 11.79 -20.80 -6.14
N SER B 15 12.31 -22.05 -6.15
CA SER B 15 12.15 -22.94 -7.31
C SER B 15 10.70 -23.22 -7.63
N ALA B 16 9.89 -23.47 -6.60
CA ALA B 16 8.48 -23.67 -6.92
C ALA B 16 7.83 -22.45 -7.57
N LEU B 17 8.19 -21.24 -7.10
CA LEU B 17 7.62 -20.04 -7.66
C LEU B 17 8.09 -19.72 -9.08
N LEU B 18 9.37 -19.91 -9.30
CA LEU B 18 9.90 -19.70 -10.64
C LEU B 18 9.26 -20.68 -11.59
N ASP B 19 9.22 -21.95 -11.14
CA ASP B 19 8.59 -23.03 -11.96
C ASP B 19 7.18 -22.68 -12.34
N ALA B 20 6.43 -22.04 -11.43
CA ALA B 20 5.01 -21.78 -11.71
C ALA B 20 4.70 -20.60 -12.54
N GLU B 21 5.73 -19.84 -12.96
CA GLU B 21 5.53 -18.57 -13.67
C GLU B 21 4.72 -18.73 -14.88
N PRO B 22 3.91 -17.73 -15.20
CA PRO B 22 3.18 -17.99 -16.42
C PRO B 22 3.97 -17.64 -17.66
N PRO B 23 3.43 -18.03 -18.85
CA PRO B 23 4.10 -17.71 -20.14
C PRO B 23 3.87 -16.24 -20.58
N ILE B 24 4.83 -15.70 -21.33
CA ILE B 24 4.61 -14.46 -21.99
C ILE B 24 3.72 -14.64 -23.21
N LEU B 25 2.69 -13.78 -23.30
CA LEU B 25 1.63 -13.88 -24.31
C LEU B 25 1.79 -12.73 -25.26
N TYR B 26 1.34 -12.96 -26.52
CA TYR B 26 1.35 -11.94 -27.57
C TYR B 26 0.01 -11.29 -27.57
N SER B 27 -0.02 -10.03 -27.99
CA SER B 27 -1.26 -9.33 -28.25
C SER B 27 -1.79 -9.84 -29.60
N GLU B 28 -3.10 -9.79 -29.85
CA GLU B 28 -3.59 -10.17 -31.17
C GLU B 28 -2.74 -9.61 -32.31
N TYR B 29 -2.25 -10.49 -33.21
CA TYR B 29 -1.52 -10.05 -34.38
C TYR B 29 -2.56 -9.45 -35.32
N PRO B 34 -1.04 1.35 -37.12
CA PRO B 34 -1.03 2.21 -35.89
C PRO B 34 -2.39 2.11 -35.12
N PHE B 35 -2.45 2.57 -33.85
CA PHE B 35 -3.51 2.17 -32.89
C PHE B 35 -4.55 3.28 -32.63
N SER B 36 -5.82 2.90 -32.61
CA SER B 36 -6.86 3.81 -32.13
C SER B 36 -7.24 3.43 -30.66
N GLU B 37 -8.25 4.09 -30.10
CA GLU B 37 -8.66 3.89 -28.72
C GLU B 37 -9.41 2.57 -28.55
N ALA B 38 -10.40 2.33 -29.42
CA ALA B 38 -11.16 1.07 -29.40
C ALA B 38 -10.19 -0.08 -29.62
N SER B 39 -9.28 0.12 -30.55
CA SER B 39 -8.27 -0.87 -30.89
C SER B 39 -7.40 -1.14 -29.66
N MET B 40 -6.81 -0.11 -29.09
CA MET B 40 -6.00 -0.21 -27.84
C MET B 40 -6.72 -0.84 -26.60
N MET B 41 -7.86 -0.30 -26.15
CA MET B 41 -8.69 -0.98 -25.14
C MET B 41 -9.03 -2.44 -25.42
N GLY B 42 -9.40 -2.73 -26.67
CA GLY B 42 -9.71 -4.09 -27.02
C GLY B 42 -8.50 -5.00 -26.94
N LEU B 43 -7.34 -4.49 -27.43
CA LEU B 43 -6.09 -5.21 -27.31
C LEU B 43 -5.74 -5.44 -25.85
N LEU B 44 -5.94 -4.42 -25.04
CA LEU B 44 -5.55 -4.52 -23.65
C LEU B 44 -6.52 -5.41 -22.85
N THR B 45 -7.82 -5.31 -23.18
CA THR B 45 -8.86 -6.21 -22.59
C THR B 45 -8.66 -7.67 -22.92
N ASN B 46 -8.45 -7.95 -24.22
CA ASN B 46 -8.29 -9.33 -24.75
C ASN B 46 -7.04 -9.92 -24.17
N LEU B 47 -5.96 -9.10 -24.04
CA LEU B 47 -4.74 -9.61 -23.48
C LEU B 47 -4.97 -9.95 -22.00
N ALA B 48 -5.54 -9.05 -21.22
CA ALA B 48 -5.95 -9.28 -19.84
C ALA B 48 -6.79 -10.59 -19.64
N ASP B 49 -7.79 -10.77 -20.47
CA ASP B 49 -8.68 -12.00 -20.47
C ASP B 49 -7.84 -13.27 -20.70
N ARG B 50 -6.94 -13.23 -21.70
CA ARG B 50 -6.03 -14.33 -21.94
C ARG B 50 -5.02 -14.55 -20.87
N GLU B 51 -4.56 -13.50 -20.19
CA GLU B 51 -3.65 -13.64 -19.06
CA GLU B 51 -3.62 -13.70 -19.09
C GLU B 51 -4.38 -14.32 -17.91
N LEU B 52 -5.66 -14.15 -17.86
CA LEU B 52 -6.40 -14.56 -16.65
C LEU B 52 -6.42 -16.06 -16.50
N VAL B 53 -6.62 -16.80 -17.59
CA VAL B 53 -6.55 -18.26 -17.45
C VAL B 53 -5.20 -18.80 -16.99
N HIS B 54 -4.12 -18.22 -17.46
CA HIS B 54 -2.78 -18.56 -17.00
C HIS B 54 -2.57 -18.13 -15.55
N MET B 55 -3.19 -17.00 -15.18
CA MET B 55 -3.08 -16.52 -13.78
C MET B 55 -3.67 -17.55 -12.81
N ILE B 56 -4.83 -18.07 -13.15
CA ILE B 56 -5.38 -19.19 -12.41
C ILE B 56 -4.42 -20.40 -12.26
N ASN B 57 -3.80 -20.84 -13.37
CA ASN B 57 -2.86 -21.96 -13.27
C ASN B 57 -1.66 -21.62 -12.37
N TRP B 58 -1.22 -20.39 -12.45
CA TRP B 58 -0.09 -19.93 -11.62
C TRP B 58 -0.54 -19.93 -10.16
N ALA B 59 -1.74 -19.37 -9.90
CA ALA B 59 -2.24 -19.29 -8.53
C ALA B 59 -2.36 -20.67 -7.87
N LYS B 60 -2.83 -21.69 -8.61
CA LYS B 60 -2.89 -23.06 -8.08
C LYS B 60 -1.55 -23.69 -7.74
N ARG B 61 -0.47 -23.21 -8.28
CA ARG B 61 0.87 -23.70 -7.87
C ARG B 61 1.66 -22.81 -6.89
N VAL B 62 1.07 -21.73 -6.35
CA VAL B 62 1.72 -20.95 -5.32
C VAL B 62 1.51 -21.77 -4.09
N PRO B 63 2.57 -22.16 -3.45
CA PRO B 63 2.47 -23.07 -2.34
C PRO B 63 1.55 -22.60 -1.24
N GLY B 64 0.58 -23.42 -0.88
CA GLY B 64 -0.33 -23.04 0.16
C GLY B 64 -1.71 -22.66 -0.36
N PHE B 65 -1.79 -22.22 -1.62
CA PHE B 65 -3.01 -21.64 -2.14
C PHE B 65 -4.07 -22.74 -2.39
N VAL B 66 -3.73 -23.91 -2.99
CA VAL B 66 -4.73 -24.99 -3.13
C VAL B 66 -5.27 -25.59 -1.80
N ASP B 67 -4.61 -25.34 -0.69
CA ASP B 67 -5.09 -25.85 0.60
C ASP B 67 -6.23 -24.97 1.10
N LEU B 68 -6.42 -23.79 0.52
CA LEU B 68 -7.54 -22.98 0.89
C LEU B 68 -8.87 -23.52 0.26
N THR B 69 -9.95 -23.15 0.87
CA THR B 69 -11.28 -23.53 0.33
C THR B 69 -11.46 -22.78 -1.00
N LEU B 70 -12.25 -23.38 -1.88
CA LEU B 70 -12.58 -22.72 -3.12
C LEU B 70 -13.03 -21.26 -2.92
N HIS B 71 -13.97 -21.01 -1.99
CA HIS B 71 -14.47 -19.65 -1.78
C HIS B 71 -13.29 -18.65 -1.43
N ASP B 72 -12.35 -19.08 -0.59
CA ASP B 72 -11.22 -18.25 -0.16
C ASP B 72 -10.25 -17.98 -1.34
N GLN B 73 -10.03 -18.99 -2.14
CA GLN B 73 -9.27 -18.83 -3.35
C GLN B 73 -9.84 -17.79 -4.28
N VAL B 74 -11.15 -17.80 -4.44
CA VAL B 74 -11.84 -16.91 -5.32
C VAL B 74 -11.77 -15.51 -4.76
N HIS B 75 -12.02 -15.34 -3.46
CA HIS B 75 -11.91 -14.02 -2.83
C HIS B 75 -10.54 -13.44 -3.00
N LEU B 76 -9.50 -14.21 -2.84
CA LEU B 76 -8.16 -13.63 -2.97
C LEU B 76 -7.81 -13.24 -4.40
N LEU B 77 -8.21 -14.11 -5.32
CA LEU B 77 -7.99 -13.79 -6.73
C LEU B 77 -8.79 -12.56 -7.20
N GLU B 78 -10.04 -12.53 -6.79
CA GLU B 78 -10.89 -11.41 -7.11
C GLU B 78 -10.26 -10.08 -6.60
N SER B 79 -9.71 -10.10 -5.40
CA SER B 79 -9.08 -8.91 -4.87
CA SER B 79 -9.05 -8.93 -4.85
C SER B 79 -7.72 -8.58 -5.57
N ALA B 80 -6.99 -9.57 -6.04
CA ALA B 80 -5.64 -9.35 -6.43
C ALA B 80 -5.46 -9.33 -7.95
N TRP B 81 -6.47 -9.75 -8.68
CA TRP B 81 -6.24 -10.02 -10.16
C TRP B 81 -5.57 -8.82 -10.88
N LEU B 82 -6.09 -7.60 -10.71
CA LEU B 82 -5.55 -6.45 -11.38
C LEU B 82 -4.11 -6.07 -10.89
N GLU B 83 -3.86 -6.18 -9.58
CA GLU B 83 -2.51 -5.92 -9.09
C GLU B 83 -1.55 -6.93 -9.72
N ILE B 84 -2.03 -8.15 -9.91
CA ILE B 84 -1.21 -9.29 -10.55
C ILE B 84 -0.85 -9.03 -12.00
N LEU B 85 -1.81 -8.62 -12.80
CA LEU B 85 -1.51 -8.22 -14.11
C LEU B 85 -0.54 -7.06 -14.07
N MET B 86 -0.79 -6.03 -13.19
CA MET B 86 0.00 -4.87 -13.23
C MET B 86 1.43 -5.12 -12.82
N ILE B 87 1.63 -5.92 -11.78
CA ILE B 87 2.99 -6.24 -11.37
C ILE B 87 3.79 -7.00 -12.48
N GLY B 88 3.16 -7.98 -13.11
CA GLY B 88 3.66 -8.57 -14.33
C GLY B 88 4.11 -7.55 -15.34
N LEU B 89 3.21 -6.66 -15.68
CA LEU B 89 3.46 -5.71 -16.71
C LEU B 89 4.70 -4.83 -16.34
N VAL B 90 4.74 -4.44 -15.07
CA VAL B 90 5.80 -3.54 -14.63
C VAL B 90 7.14 -4.23 -14.63
N TRP B 91 7.12 -5.49 -14.19
CA TRP B 91 8.28 -6.34 -14.31
C TRP B 91 8.87 -6.42 -15.75
N ARG B 92 8.01 -6.74 -16.72
CA ARG B 92 8.44 -6.87 -18.07
C ARG B 92 8.89 -5.57 -18.60
N SER B 93 8.33 -4.46 -18.13
CA SER B 93 8.68 -3.17 -18.69
C SER B 93 9.95 -2.54 -18.11
N MET B 94 10.54 -3.16 -17.10
CA MET B 94 11.66 -2.62 -16.38
C MET B 94 12.73 -2.03 -17.31
N GLU B 95 13.15 -2.84 -18.27
CA GLU B 95 14.17 -2.50 -19.31
C GLU B 95 13.71 -1.62 -20.52
N HIS B 96 12.50 -1.07 -20.48
CA HIS B 96 11.98 -0.22 -21.52
C HIS B 96 11.50 1.11 -20.87
N PRO B 97 12.46 1.89 -20.37
CA PRO B 97 12.19 3.21 -19.81
C PRO B 97 11.22 4.03 -20.62
N GLY B 98 10.15 4.49 -20.00
CA GLY B 98 9.10 5.29 -20.69
C GLY B 98 8.09 4.50 -21.53
N LYS B 99 8.27 3.18 -21.50
CA LYS B 99 7.37 2.29 -22.23
C LYS B 99 6.87 1.16 -21.37
N LEU B 100 5.66 0.72 -21.71
CA LEU B 100 5.00 -0.42 -21.08
C LEU B 100 4.93 -1.55 -22.10
N LEU B 101 5.54 -2.66 -21.76
CA LEU B 101 5.62 -3.83 -22.58
C LEU B 101 4.42 -4.78 -22.23
N PHE B 102 3.25 -4.46 -22.74
CA PHE B 102 2.10 -5.28 -22.59
C PHE B 102 2.34 -6.64 -23.26
N ALA B 103 2.99 -6.62 -24.41
CA ALA B 103 3.43 -7.87 -25.02
C ALA B 103 4.63 -7.63 -25.90
N PRO B 104 5.32 -8.68 -26.40
CA PRO B 104 6.51 -8.33 -27.28
C PRO B 104 6.12 -7.47 -28.49
N ASN B 105 4.91 -7.61 -28.95
CA ASN B 105 4.37 -6.89 -30.08
C ASN B 105 3.37 -5.88 -29.67
N LEU B 106 3.40 -5.49 -28.41
CA LEU B 106 2.64 -4.36 -27.92
C LEU B 106 3.39 -3.57 -26.80
N LEU B 107 4.17 -2.55 -27.22
CA LEU B 107 5.07 -1.83 -26.36
C LEU B 107 4.59 -0.42 -26.52
N LEU B 108 3.92 0.10 -25.47
CA LEU B 108 3.25 1.35 -25.58
C LEU B 108 3.89 2.49 -24.71
N ASP B 109 3.95 3.69 -25.25
CA ASP B 109 4.54 4.82 -24.57
C ASP B 109 3.39 5.68 -24.02
N ARG B 110 3.79 6.60 -23.14
CA ARG B 110 2.92 7.54 -22.47
C ARG B 110 1.87 8.14 -23.40
N ASN B 111 2.37 8.63 -24.52
CA ASN B 111 1.61 9.30 -25.50
C ASN B 111 0.55 8.41 -26.08
N GLN B 112 0.93 7.18 -26.39
CA GLN B 112 -0.04 6.18 -26.83
C GLN B 112 -1.19 5.97 -25.78
N GLY B 113 -0.80 5.98 -24.50
CA GLY B 113 -1.77 6.03 -23.39
C GLY B 113 -2.91 7.01 -23.58
N LYS B 114 -2.56 8.24 -23.99
CA LYS B 114 -3.52 9.35 -24.17
C LYS B 114 -4.62 9.13 -25.22
N SER B 115 -4.55 8.04 -26.00
CA SER B 115 -5.67 7.57 -26.87
C SER B 115 -6.99 7.33 -26.13
N VAL B 116 -6.89 6.86 -24.89
CA VAL B 116 -8.02 6.44 -24.06
C VAL B 116 -8.18 7.53 -23.01
N GLU B 117 -9.33 8.23 -22.97
CA GLU B 117 -9.65 9.18 -21.88
C GLU B 117 -9.37 8.45 -20.52
N GLY B 118 -8.68 9.13 -19.60
CA GLY B 118 -8.34 8.64 -18.24
C GLY B 118 -7.09 7.75 -18.11
N MET B 119 -6.52 7.31 -19.22
CA MET B 119 -5.61 6.20 -19.17
C MET B 119 -4.21 6.66 -18.87
N VAL B 120 -3.95 7.92 -19.19
CA VAL B 120 -2.61 8.35 -19.17
C VAL B 120 -2.12 8.39 -17.69
N GLU B 121 -2.99 8.80 -16.77
CA GLU B 121 -2.61 8.82 -15.37
C GLU B 121 -2.15 7.45 -14.90
N ILE B 122 -2.85 6.40 -15.34
CA ILE B 122 -2.56 5.04 -14.85
C ILE B 122 -1.29 4.56 -15.50
N PHE B 123 -1.14 4.93 -16.77
CA PHE B 123 0.09 4.72 -17.49
C PHE B 123 1.32 5.34 -16.79
N ASP B 124 1.15 6.59 -16.33
CA ASP B 124 2.26 7.31 -15.69
C ASP B 124 2.65 6.64 -14.40
N MET B 125 1.66 6.22 -13.64
CA MET B 125 1.93 5.49 -12.42
C MET B 125 2.62 4.13 -12.67
N LEU B 126 2.20 3.41 -13.71
CA LEU B 126 2.83 2.12 -14.02
C LEU B 126 4.32 2.28 -14.41
N LEU B 127 4.57 3.28 -15.24
CA LEU B 127 5.96 3.70 -15.61
C LEU B 127 6.77 4.11 -14.40
N ALA B 128 6.16 4.86 -13.46
CA ALA B 128 6.92 5.20 -12.25
C ALA B 128 7.24 3.98 -11.45
N THR B 129 6.36 2.94 -11.41
CA THR B 129 6.72 1.68 -10.73
C THR B 129 7.83 0.90 -11.37
N SER B 130 7.76 0.81 -12.70
CA SER B 130 8.78 0.17 -13.46
C SER B 130 10.13 0.83 -13.23
N SER B 131 10.10 2.14 -13.25
CA SER B 131 11.32 2.90 -13.07
C SER B 131 11.84 2.76 -11.60
N ARG B 132 10.93 2.64 -10.62
CA ARG B 132 11.33 2.21 -9.26
C ARG B 132 11.98 0.84 -9.17
N PHE B 133 11.33 -0.19 -9.73
CA PHE B 133 11.93 -1.50 -9.76
C PHE B 133 13.32 -1.55 -10.44
N ARG B 134 13.45 -0.79 -11.50
CA ARG B 134 14.71 -0.69 -12.25
CA ARG B 134 14.72 -0.68 -12.23
C ARG B 134 15.80 -0.15 -11.30
N MET B 135 15.52 0.95 -10.65
CA MET B 135 16.49 1.62 -9.75
C MET B 135 16.86 0.83 -8.51
N MET B 136 15.95 -0.05 -8.02
CA MET B 136 16.29 -1.07 -7.00
C MET B 136 16.92 -2.28 -7.54
N ASN B 137 17.03 -2.42 -8.84
CA ASN B 137 17.60 -3.65 -9.41
C ASN B 137 16.87 -4.89 -8.99
N LEU B 138 15.53 -4.84 -9.00
CA LEU B 138 14.70 -5.98 -8.64
C LEU B 138 15.10 -7.21 -9.42
N GLN B 139 15.25 -8.30 -8.70
CA GLN B 139 15.59 -9.56 -9.28
C GLN B 139 14.38 -10.45 -9.51
N GLY B 140 14.58 -11.43 -10.35
CA GLY B 140 13.52 -12.31 -10.74
C GLY B 140 12.98 -13.12 -9.56
N GLU B 141 13.86 -13.55 -8.68
CA GLU B 141 13.49 -14.37 -7.57
C GLU B 141 12.67 -13.55 -6.57
N GLU B 142 13.01 -12.28 -6.44
CA GLU B 142 12.28 -11.34 -5.61
C GLU B 142 10.92 -11.05 -6.22
N PHE B 143 10.89 -10.75 -7.52
CA PHE B 143 9.61 -10.53 -8.22
C PHE B 143 8.58 -11.65 -7.89
N VAL B 144 8.96 -12.91 -8.09
CA VAL B 144 7.98 -13.98 -7.90
C VAL B 144 7.51 -13.96 -6.45
N CYS B 145 8.38 -13.69 -5.51
CA CYS B 145 7.95 -13.64 -4.10
C CYS B 145 6.92 -12.52 -3.85
N LEU B 146 7.16 -11.38 -4.47
CA LEU B 146 6.25 -10.23 -4.37
C LEU B 146 4.91 -10.50 -4.99
N LYS B 147 4.91 -11.14 -6.18
CA LYS B 147 3.69 -11.46 -6.83
C LYS B 147 2.84 -12.42 -6.00
N SER B 148 3.48 -13.40 -5.36
CA SER B 148 2.78 -14.31 -4.50
C SER B 148 2.24 -13.68 -3.20
N ILE B 149 3.02 -12.76 -2.66
CA ILE B 149 2.57 -11.96 -1.56
C ILE B 149 1.26 -11.19 -1.94
N ILE B 150 1.23 -10.56 -3.10
CA ILE B 150 0.00 -9.86 -3.49
C ILE B 150 -1.20 -10.78 -3.46
N LEU B 151 -1.03 -12.03 -4.02
CA LEU B 151 -2.14 -12.94 -4.09
C LEU B 151 -2.66 -13.36 -2.76
N LEU B 152 -1.74 -13.57 -1.81
CA LEU B 152 -2.13 -13.98 -0.55
C LEU B 152 -2.60 -12.81 0.35
N ASN B 153 -2.10 -11.62 0.10
CA ASN B 153 -2.30 -10.51 1.07
C ASN B 153 -3.46 -9.61 0.70
N SER B 154 -3.68 -9.36 -0.60
CA SER B 154 -4.55 -8.26 -1.03
CA SER B 154 -4.51 -8.23 -0.97
C SER B 154 -5.93 -8.37 -0.44
N GLY B 155 -6.47 -9.58 -0.40
CA GLY B 155 -7.80 -9.81 0.09
C GLY B 155 -7.88 -10.39 1.48
N VAL B 156 -6.73 -10.55 2.16
CA VAL B 156 -6.71 -11.24 3.42
C VAL B 156 -7.46 -10.46 4.54
N TYR B 157 -7.48 -9.12 4.50
CA TYR B 157 -8.26 -8.29 5.54
C TYR B 157 -9.66 -7.87 5.14
N THR B 158 -10.11 -8.32 3.97
CA THR B 158 -11.45 -7.98 3.44
C THR B 158 -12.34 -9.22 3.44
N PHE B 159 -11.95 -10.30 4.13
CA PHE B 159 -12.88 -11.41 4.29
C PHE B 159 -14.11 -10.96 5.13
N LEU B 160 -15.26 -11.59 4.88
CA LEU B 160 -16.48 -11.25 5.61
C LEU B 160 -16.35 -11.69 7.07
N SER B 161 -15.95 -12.94 7.29
CA SER B 161 -15.89 -13.49 8.65
C SER B 161 -14.63 -13.04 9.37
N GLU B 169 -7.82 -20.52 9.80
CA GLU B 169 -7.66 -20.47 8.30
C GLU B 169 -6.83 -19.34 7.78
N LYS B 170 -7.14 -18.13 8.25
CA LYS B 170 -6.43 -16.95 7.86
C LYS B 170 -5.02 -17.03 8.45
N ASP B 171 -4.85 -17.70 9.59
CA ASP B 171 -3.48 -17.99 10.06
C ASP B 171 -2.71 -18.83 9.07
N HIS B 172 -3.37 -19.74 8.39
CA HIS B 172 -2.68 -20.42 7.32
C HIS B 172 -2.02 -19.44 6.31
N ILE B 173 -2.78 -18.42 5.91
CA ILE B 173 -2.29 -17.50 4.87
C ILE B 173 -1.13 -16.66 5.41
N HIS B 174 -1.29 -16.22 6.67
CA HIS B 174 -0.27 -15.53 7.38
C HIS B 174 1.02 -16.36 7.52
N ARG B 175 0.89 -17.64 7.77
CA ARG B 175 2.03 -18.57 7.83
C ARG B 175 2.80 -18.61 6.48
N VAL B 176 2.03 -18.72 5.40
CA VAL B 176 2.63 -18.68 4.08
C VAL B 176 3.30 -17.33 3.83
N LEU B 177 2.61 -16.25 4.21
CA LEU B 177 3.19 -14.96 3.98
C LEU B 177 4.51 -14.75 4.66
N ASP B 178 4.59 -15.24 5.91
CA ASP B 178 5.83 -15.24 6.68
C ASP B 178 6.97 -16.01 6.00
N LYS B 179 6.61 -17.11 5.36
CA LYS B 179 7.56 -17.96 4.61
C LYS B 179 8.07 -17.29 3.38
N ILE B 180 7.21 -16.49 2.72
CA ILE B 180 7.77 -15.67 1.60
C ILE B 180 8.74 -14.57 2.10
N THR B 181 8.43 -13.98 3.27
CA THR B 181 9.33 -13.06 3.87
C THR B 181 10.72 -13.67 4.14
N ASP B 182 10.69 -14.84 4.79
CA ASP B 182 11.96 -15.61 5.06
C ASP B 182 12.71 -15.74 3.78
N THR B 183 11.94 -16.13 2.78
CA THR B 183 12.49 -16.37 1.48
C THR B 183 13.13 -15.17 0.87
N LEU B 184 12.42 -14.03 0.95
CA LEU B 184 12.94 -12.79 0.46
C LEU B 184 14.28 -12.46 1.15
N ILE B 185 14.31 -12.65 2.47
CA ILE B 185 15.50 -12.44 3.22
C ILE B 185 16.68 -13.34 2.84
N HIS B 186 16.38 -14.62 2.69
CA HIS B 186 17.38 -15.62 2.30
C HIS B 186 18.07 -15.23 0.93
N LEU B 187 17.29 -14.77 -0.04
CA LEU B 187 17.79 -14.29 -1.35
C LEU B 187 18.66 -13.12 -1.21
N MET B 188 18.32 -12.22 -0.28
CA MET B 188 19.18 -11.07 0.04
C MET B 188 20.51 -11.45 0.74
N ALA B 189 20.40 -12.39 1.67
CA ALA B 189 21.51 -12.92 2.44
C ALA B 189 22.44 -13.63 1.40
N LYS B 190 21.82 -14.38 0.47
CA LYS B 190 22.59 -15.10 -0.58
C LYS B 190 23.30 -14.10 -1.42
N ALA B 191 22.63 -13.02 -1.75
CA ALA B 191 23.25 -12.05 -2.61
C ALA B 191 24.27 -11.12 -1.82
N GLY B 192 24.51 -11.40 -0.53
CA GLY B 192 25.55 -10.78 0.19
C GLY B 192 25.13 -9.45 0.79
N LEU B 193 23.84 -9.14 0.96
CA LEU B 193 23.45 -7.96 1.75
C LEU B 193 23.79 -8.12 3.25
N THR B 194 24.22 -7.02 3.86
CA THR B 194 24.45 -6.94 5.32
C THR B 194 23.06 -7.15 5.96
N LEU B 195 23.05 -7.47 7.26
CA LEU B 195 21.80 -7.56 8.07
C LEU B 195 20.94 -6.32 8.01
N GLN B 196 21.56 -5.17 8.09
CA GLN B 196 20.90 -3.89 7.99
C GLN B 196 20.25 -3.68 6.60
N GLN B 197 21.07 -3.83 5.56
CA GLN B 197 20.60 -3.78 4.17
C GLN B 197 19.44 -4.70 3.88
N GLN B 198 19.39 -5.89 4.49
CA GLN B 198 18.33 -6.87 4.26
C GLN B 198 16.98 -6.31 4.71
N HIS B 199 16.90 -5.68 5.89
CA HIS B 199 15.61 -5.17 6.35
C HIS B 199 15.24 -3.93 5.54
N GLN B 200 16.25 -3.15 5.13
CA GLN B 200 15.97 -1.91 4.40
C GLN B 200 15.37 -2.26 3.01
N ARG B 201 16.03 -3.22 2.32
CA ARG B 201 15.49 -3.75 1.01
C ARG B 201 14.09 -4.33 1.13
N LEU B 202 13.90 -5.22 2.09
CA LEU B 202 12.59 -5.78 2.43
C LEU B 202 11.54 -4.73 2.52
N ALA B 203 11.79 -3.70 3.36
CA ALA B 203 10.85 -2.60 3.49
C ALA B 203 10.59 -1.87 2.16
N GLN B 204 11.60 -1.58 1.42
CA GLN B 204 11.51 -0.85 0.13
CA GLN B 204 11.42 -0.81 0.19
C GLN B 204 10.60 -1.62 -0.83
N LEU B 205 10.83 -2.94 -0.89
CA LEU B 205 10.02 -3.79 -1.77
C LEU B 205 8.55 -3.83 -1.33
N LEU B 206 8.29 -4.06 -0.06
CA LEU B 206 6.93 -4.16 0.44
C LEU B 206 6.15 -2.83 0.43
N LEU B 207 6.85 -1.71 0.58
CA LEU B 207 6.25 -0.38 0.39
C LEU B 207 5.82 -0.17 -1.05
N ILE B 208 6.50 -0.70 -2.04
CA ILE B 208 6.00 -0.64 -3.37
C ILE B 208 4.64 -1.30 -3.57
N LEU B 209 4.35 -2.34 -2.80
CA LEU B 209 3.03 -2.97 -2.84
C LEU B 209 1.83 -2.14 -2.46
N SER B 210 2.08 -1.09 -1.67
CA SER B 210 1.10 -0.04 -1.46
C SER B 210 0.74 0.69 -2.72
N HIS B 211 1.74 1.05 -3.47
CA HIS B 211 1.53 1.74 -4.74
CA HIS B 211 1.55 1.73 -4.75
C HIS B 211 0.84 0.83 -5.80
N ILE B 212 1.22 -0.44 -5.86
CA ILE B 212 0.53 -1.42 -6.71
C ILE B 212 -0.96 -1.48 -6.34
N ARG B 213 -1.24 -1.51 -5.06
CA ARG B 213 -2.60 -1.57 -4.57
C ARG B 213 -3.38 -0.28 -5.06
N HIS B 214 -2.72 0.85 -4.92
CA HIS B 214 -3.32 2.16 -5.27
C HIS B 214 -3.64 2.10 -6.79
N MET B 215 -2.71 1.69 -7.59
CA MET B 215 -2.89 1.61 -9.08
C MET B 215 -4.06 0.68 -9.43
N SER B 216 -4.16 -0.43 -8.75
CA SER B 216 -5.23 -1.36 -8.96
C SER B 216 -6.55 -0.71 -8.65
N ASN B 217 -6.61 0.07 -7.55
CA ASN B 217 -7.83 0.83 -7.23
C ASN B 217 -8.23 1.89 -8.25
N LYS B 218 -7.23 2.67 -8.69
CA LYS B 218 -7.47 3.65 -9.66
C LYS B 218 -7.86 2.99 -11.07
N GLY B 219 -7.20 1.90 -11.42
CA GLY B 219 -7.52 1.15 -12.64
C GLY B 219 -8.96 0.61 -12.58
N MET B 220 -9.37 0.03 -11.46
CA MET B 220 -10.80 -0.46 -11.27
C MET B 220 -11.84 0.64 -11.53
N GLU B 221 -11.62 1.82 -10.94
CA GLU B 221 -12.49 2.96 -11.15
C GLU B 221 -12.52 3.30 -12.62
N HIS B 222 -11.35 3.38 -13.21
CA HIS B 222 -11.22 3.77 -14.63
C HIS B 222 -11.88 2.77 -15.55
N LEU B 223 -11.77 1.48 -15.25
CA LEU B 223 -12.46 0.43 -16.03
C LEU B 223 -13.95 0.50 -15.77
N TYR B 224 -14.38 0.94 -14.56
CA TYR B 224 -15.83 1.16 -14.33
C TYR B 224 -16.42 2.42 -15.04
N SER B 225 -15.60 3.29 -15.59
CA SER B 225 -16.09 4.36 -16.51
C SER B 225 -16.34 3.96 -17.98
N MET B 226 -16.83 2.75 -18.27
CA MET B 226 -16.90 2.30 -19.65
C MET B 226 -18.06 1.34 -19.94
N VAL B 231 -16.64 -6.37 -18.88
CA VAL B 231 -15.19 -6.19 -18.96
C VAL B 231 -14.45 -6.81 -17.78
N VAL B 232 -14.82 -6.39 -16.56
CA VAL B 232 -14.16 -6.90 -15.35
C VAL B 232 -14.60 -8.33 -14.95
N PRO B 233 -13.69 -9.24 -14.65
CA PRO B 233 -14.04 -10.62 -14.35
C PRO B 233 -14.85 -10.75 -13.08
N SER B 234 -15.99 -11.45 -13.13
CA SER B 234 -16.90 -11.52 -12.00
C SER B 234 -16.34 -12.60 -11.03
N TYR B 235 -16.78 -12.48 -9.78
CA TYR B 235 -16.66 -13.54 -8.77
C TYR B 235 -17.04 -14.88 -9.32
N ASP B 236 -18.26 -15.01 -9.84
CA ASP B 236 -18.69 -16.27 -10.45
C ASP B 236 -17.83 -16.78 -11.58
N LEU B 237 -17.38 -15.89 -12.44
CA LEU B 237 -16.45 -16.36 -13.50
C LEU B 237 -15.15 -16.89 -12.92
N LEU B 238 -14.59 -16.17 -11.95
CA LEU B 238 -13.38 -16.64 -11.28
C LEU B 238 -13.54 -18.00 -10.63
N LEU B 239 -14.73 -18.19 -10.03
CA LEU B 239 -15.01 -19.44 -9.35
C LEU B 239 -15.04 -20.56 -10.32
N GLU B 240 -15.78 -20.36 -11.41
CA GLU B 240 -15.87 -21.39 -12.51
C GLU B 240 -14.47 -21.80 -12.99
N MET B 241 -13.67 -20.78 -13.30
CA MET B 241 -12.35 -21.00 -13.87
C MET B 241 -11.48 -21.72 -12.86
N LEU B 242 -11.62 -21.41 -11.58
CA LEU B 242 -10.74 -22.00 -10.58
C LEU B 242 -11.20 -23.36 -10.30
N ASP B 243 -12.53 -23.54 -10.27
CA ASP B 243 -13.10 -24.87 -10.03
C ASP B 243 -12.78 -25.84 -11.21
N ALA B 244 -12.92 -25.34 -12.45
CA ALA B 244 -12.47 -26.06 -13.67
C ALA B 244 -11.01 -25.69 -14.04
C1 XBR C . -10.24 9.96 12.23
C2 XBR C . -10.86 11.17 12.63
C3 XBR C . -11.91 11.68 11.91
C4 XBR C . -12.36 10.93 10.78
C5 XBR C . -11.72 9.70 10.36
C6 XBR C . -10.61 9.19 11.09
C7 XBR C . -12.42 9.27 9.18
C8 XBR C . -13.38 10.18 8.98
N9 XBR C . -13.36 11.16 9.91
C11 XBR C . -14.32 10.06 7.82
N12 XBR C . -13.91 8.88 6.98
C13 XBR C . -13.56 7.67 7.69
C14 XBR C . -12.22 8.01 8.31
C15 XBR C . -14.97 8.44 6.08
C16 XBR C . -14.39 7.86 4.75
C17 XBR C . -15.66 7.49 3.95
O18 XBR C . -16.59 8.25 3.79
O19 XBR C . -15.78 6.29 3.38
C20 XBR C . -14.24 11.35 7.04
C21 XBR C . -15.42 12.02 6.83
C22 XBR C . -15.33 13.19 6.06
C23 XBR C . -14.08 13.65 5.63
C24 XBR C . -12.85 12.98 5.86
C25 XBR C . -12.94 11.82 6.56
CL XBR C . -13.98 15.13 4.69
C1 XBR D . -0.83 -6.99 -18.26
C2 XBR D . -1.49 -7.54 -19.38
C3 XBR D . -2.62 -7.04 -19.94
C4 XBR D . -3.14 -5.90 -19.37
C5 XBR D . -2.49 -5.25 -18.25
C6 XBR D . -1.32 -5.83 -17.74
C7 XBR D . -3.29 -4.09 -17.89
C8 XBR D . -4.28 -4.02 -18.79
N9 XBR D . -4.21 -5.10 -19.66
C11 XBR D . -5.40 -2.96 -18.74
N12 XBR D . -5.18 -2.01 -17.59
C13 XBR D . -3.76 -1.76 -17.25
C14 XBR D . -3.04 -3.04 -16.77
C15 XBR D . -6.03 -0.83 -17.76
C16 XBR D . -6.58 -0.38 -16.42
C17 XBR D . -7.31 0.93 -16.61
O18 XBR D . -8.09 1.15 -17.57
O19 XBR D . -7.06 1.88 -15.68
C20 XBR D . -6.76 -3.63 -18.64
C21 XBR D . -7.72 -3.50 -19.67
C22 XBR D . -8.93 -4.16 -19.54
C23 XBR D . -9.18 -5.02 -18.43
C24 XBR D . -8.18 -5.17 -17.45
C25 XBR D . -6.99 -4.48 -17.56
CL XBR D . -10.70 -5.91 -18.21
#